data_7RH8
#
_entry.id   7RH8
#
_cell.length_a   145.967
_cell.length_b   145.967
_cell.length_c   51.014
_cell.angle_alpha   90.000
_cell.angle_beta   90.000
_cell.angle_gamma   120.000
#
_symmetry.space_group_name_H-M   'P 64 2 2'
#
loop_
_entity.id
_entity.type
_entity.pdbx_description
1 polymer 'Uracil phosphoribosyltransferase'
2 non-polymer "URIDINE 5'-TRIPHOSPHATE"
3 water water
#
_entity_poly.entity_id   1
_entity_poly.type   'polypeptide(L)'
_entity_poly.pdbx_seq_one_letter_code
;MSVAKAVSKNVILLPQTNQLIGLYSIIRDQRTKRGDFVFYSDRIIRLLVEEGLNQLPVEEAIIKCHGGYEYKGAKFLGKI
CGVSIVRAGESMEMGLRDCCRSVRIGKILIQRDEETALPKLFYEKLPEDISERYVFLLDPMLATGGSAMMAVEVLLARGV
KMDRILFLNLLAAPEGIKAFQDKYPDVKIITGGIDEKLDENKYIVPGLGDFGDRYYCI
;
_entity_poly.pdbx_strand_id   A
#
loop_
_chem_comp.id
_chem_comp.type
_chem_comp.name
_chem_comp.formula
UTP non-polymer 'URIDINE 5'-TRIPHOSPHATE' 'C9 H15 N2 O15 P3'
#
# COMPACT_ATOMS: atom_id res chain seq x y z
N VAL A 7 -0.26 -14.88 -11.60
CA VAL A 7 -0.51 -13.50 -11.19
C VAL A 7 -0.05 -12.54 -12.31
N SER A 8 -0.74 -11.42 -12.50
CA SER A 8 -0.52 -10.61 -13.70
C SER A 8 0.76 -9.78 -13.60
N LYS A 9 1.06 -9.09 -14.70
CA LYS A 9 2.26 -8.27 -14.72
C LYS A 9 2.07 -7.06 -13.80
N ASN A 10 3.16 -6.68 -13.13
CA ASN A 10 3.14 -5.61 -12.14
C ASN A 10 2.22 -5.90 -10.93
N VAL A 11 1.83 -7.15 -10.67
CA VAL A 11 1.22 -7.52 -9.40
C VAL A 11 2.22 -8.37 -8.63
N ILE A 12 2.64 -7.88 -7.50
CA ILE A 12 3.67 -8.52 -6.69
CA ILE A 12 3.67 -8.52 -6.70
C ILE A 12 2.98 -9.08 -5.46
N LEU A 13 2.94 -10.41 -5.35
CA LEU A 13 2.26 -11.06 -4.25
C LEU A 13 3.30 -11.44 -3.19
N LEU A 14 3.06 -11.10 -1.91
CA LEU A 14 3.96 -11.60 -0.88
C LEU A 14 4.09 -13.12 -1.02
N PRO A 15 5.27 -13.67 -0.80
CA PRO A 15 5.44 -15.14 -0.82
C PRO A 15 4.42 -15.77 0.12
N GLN A 16 3.71 -16.78 -0.37
CA GLN A 16 2.59 -17.34 0.38
C GLN A 16 3.10 -18.48 1.26
N THR A 17 3.93 -18.09 2.23
CA THR A 17 4.52 -19.06 3.15
C THR A 17 3.48 -19.58 4.12
N ASN A 18 3.85 -20.68 4.78
CA ASN A 18 3.01 -21.21 5.84
C ASN A 18 2.81 -20.14 6.90
N GLN A 19 3.86 -19.42 7.25
CA GLN A 19 3.71 -18.41 8.28
C GLN A 19 2.77 -17.30 7.83
N LEU A 20 2.92 -16.84 6.57
CA LEU A 20 2.03 -15.76 6.11
C LEU A 20 0.58 -16.24 6.13
N ILE A 21 0.31 -17.49 5.73
CA ILE A 21 -1.08 -17.93 5.74
C ILE A 21 -1.59 -17.99 7.17
N GLY A 22 -0.77 -18.48 8.09
CA GLY A 22 -1.14 -18.49 9.50
C GLY A 22 -1.40 -17.07 10.00
N LEU A 23 -0.59 -16.11 9.56
CA LEU A 23 -0.77 -14.75 9.98
C LEU A 23 -2.06 -14.16 9.42
N TYR A 24 -2.29 -14.31 8.11
CA TYR A 24 -3.54 -13.86 7.54
C TYR A 24 -4.73 -14.57 8.19
N SER A 25 -4.57 -15.83 8.56
CA SER A 25 -5.70 -16.54 9.18
C SER A 25 -6.10 -15.87 10.48
N ILE A 26 -5.15 -15.28 11.21
CA ILE A 26 -5.52 -14.59 12.45
C ILE A 26 -6.43 -13.40 12.15
N ILE A 27 -6.04 -12.56 11.19
CA ILE A 27 -6.82 -11.35 10.97
C ILE A 27 -8.14 -11.67 10.24
N ARG A 28 -8.15 -12.72 9.40
CA ARG A 28 -9.43 -13.09 8.75
C ARG A 28 -10.45 -13.61 9.76
N ASP A 29 -9.99 -14.37 10.76
CA ASP A 29 -10.89 -15.09 11.64
C ASP A 29 -11.86 -14.12 12.30
N GLN A 30 -13.17 -14.37 12.11
CA GLN A 30 -14.11 -13.41 12.67
C GLN A 30 -14.11 -13.37 14.20
N ARG A 31 -13.51 -14.37 14.86
CA ARG A 31 -13.40 -14.35 16.31
C ARG A 31 -12.22 -13.52 16.82
N THR A 32 -11.33 -13.07 15.93
CA THR A 32 -10.18 -12.31 16.38
C THR A 32 -10.62 -10.92 16.84
N LYS A 33 -10.28 -10.57 18.08
CA LYS A 33 -10.71 -9.30 18.62
C LYS A 33 -9.74 -8.19 18.19
N ARG A 34 -10.11 -6.95 18.52
CA ARG A 34 -9.43 -5.76 17.98
C ARG A 34 -7.95 -5.74 18.32
N GLY A 35 -7.56 -6.07 19.56
CA GLY A 35 -6.13 -5.96 19.90
C GLY A 35 -5.23 -6.83 19.01
N ASP A 36 -5.67 -8.08 18.83
CA ASP A 36 -4.96 -9.03 18.00
C ASP A 36 -5.08 -8.63 16.53
N PHE A 37 -6.24 -8.13 16.14
CA PHE A 37 -6.44 -7.72 14.74
C PHE A 37 -5.47 -6.57 14.40
N VAL A 38 -5.38 -5.59 15.28
CA VAL A 38 -4.45 -4.48 15.06
C VAL A 38 -3.00 -4.98 15.04
N PHE A 39 -2.62 -5.80 16.04
CA PHE A 39 -1.22 -6.18 16.14
C PHE A 39 -0.78 -6.93 14.89
N TYR A 40 -1.60 -7.90 14.48
CA TYR A 40 -1.19 -8.76 13.38
C TYR A 40 -1.37 -8.06 12.06
N SER A 41 -2.38 -7.18 11.92
CA SER A 41 -2.42 -6.37 10.70
C SER A 41 -1.16 -5.53 10.59
N ASP A 42 -0.73 -4.93 11.69
CA ASP A 42 0.48 -4.09 11.64
C ASP A 42 1.67 -4.94 11.19
N ARG A 43 1.75 -6.20 11.65
CA ARG A 43 2.88 -7.03 11.23
C ARG A 43 2.83 -7.31 9.73
N ILE A 44 1.62 -7.59 9.21
CA ILE A 44 1.45 -7.77 7.78
C ILE A 44 1.81 -6.50 7.02
N ILE A 45 1.35 -5.34 7.52
CA ILE A 45 1.64 -4.08 6.82
C ILE A 45 3.13 -3.89 6.68
N ARG A 46 3.90 -4.21 7.73
CA ARG A 46 5.36 -4.10 7.62
C ARG A 46 5.92 -5.04 6.53
N LEU A 47 5.34 -6.25 6.38
CA LEU A 47 5.76 -7.15 5.30
C LEU A 47 5.47 -6.54 3.93
N LEU A 48 4.32 -5.88 3.77
CA LEU A 48 4.00 -5.21 2.52
C LEU A 48 5.00 -4.09 2.24
N VAL A 49 5.34 -3.31 3.27
CA VAL A 49 6.28 -2.19 3.09
C VAL A 49 7.64 -2.74 2.69
N GLU A 50 8.09 -3.84 3.33
CA GLU A 50 9.38 -4.42 2.96
C GLU A 50 9.38 -4.92 1.53
N GLU A 51 8.29 -5.56 1.11
CA GLU A 51 8.23 -5.99 -0.29
C GLU A 51 8.24 -4.79 -1.23
N GLY A 52 7.49 -3.74 -0.90
CA GLY A 52 7.53 -2.56 -1.75
C GLY A 52 8.91 -1.90 -1.79
N LEU A 53 9.59 -1.81 -0.63
CA LEU A 53 10.92 -1.25 -0.64
C LEU A 53 11.89 -2.06 -1.51
N ASN A 54 11.68 -3.38 -1.65
CA ASN A 54 12.52 -4.20 -2.52
C ASN A 54 12.43 -3.79 -3.97
N GLN A 55 11.44 -2.98 -4.36
CA GLN A 55 11.33 -2.52 -5.73
C GLN A 55 12.20 -1.28 -6.00
N LEU A 56 12.79 -0.65 -4.93
CA LEU A 56 13.40 0.64 -5.13
C LEU A 56 14.89 0.46 -5.53
N PRO A 57 15.46 1.42 -6.23
CA PRO A 57 16.82 1.24 -6.77
C PRO A 57 17.91 1.49 -5.71
N VAL A 58 19.08 0.88 -5.91
CA VAL A 58 20.27 1.15 -5.08
C VAL A 58 21.45 1.32 -6.02
N GLU A 59 22.56 1.80 -5.44
CA GLU A 59 23.82 1.88 -6.15
C GLU A 59 24.86 1.20 -5.26
N GLU A 60 25.86 0.59 -5.89
CA GLU A 60 26.95 0.07 -5.08
C GLU A 60 27.71 1.20 -4.39
N ALA A 61 28.21 0.91 -3.20
CA ALA A 61 28.89 1.91 -2.40
C ALA A 61 29.85 1.20 -1.48
N ILE A 62 31.05 1.76 -1.35
CA ILE A 62 31.98 1.26 -0.33
C ILE A 62 31.59 1.83 1.01
N ILE A 63 31.44 0.98 2.02
CA ILE A 63 31.02 1.41 3.34
C ILE A 63 32.20 1.28 4.28
N LYS A 64 32.56 2.37 4.95
CA LYS A 64 33.69 2.27 5.87
C LYS A 64 33.16 1.77 7.21
N CYS A 65 33.74 0.68 7.73
CA CYS A 65 33.33 0.06 8.98
C CYS A 65 34.42 0.29 10.03
N HIS A 66 34.00 0.32 11.29
CA HIS A 66 34.90 0.61 12.39
C HIS A 66 36.12 -0.30 12.33
N GLY A 67 37.28 0.27 12.53
CA GLY A 67 38.49 -0.51 12.52
C GLY A 67 39.20 -0.42 11.20
N GLY A 68 38.73 0.45 10.31
CA GLY A 68 39.45 0.66 9.07
C GLY A 68 39.12 -0.35 7.98
N TYR A 69 38.00 -1.05 8.09
CA TYR A 69 37.60 -2.02 7.10
C TYR A 69 36.63 -1.41 6.11
N GLU A 70 36.57 -2.03 4.93
CA GLU A 70 35.66 -1.60 3.87
C GLU A 70 34.70 -2.72 3.58
N TYR A 71 33.45 -2.38 3.36
CA TYR A 71 32.44 -3.36 3.00
C TYR A 71 31.87 -2.93 1.65
N LYS A 72 31.74 -3.88 0.71
CA LYS A 72 31.11 -3.55 -0.57
C LYS A 72 29.59 -3.61 -0.37
N GLY A 73 28.98 -2.43 -0.19
CA GLY A 73 27.59 -2.33 0.23
C GLY A 73 26.82 -1.58 -0.82
N ALA A 74 25.83 -0.83 -0.38
CA ALA A 74 24.93 -0.17 -1.30
C ALA A 74 24.31 1.01 -0.61
N LYS A 75 23.88 1.98 -1.42
CA LYS A 75 23.17 3.16 -0.94
C LYS A 75 21.80 3.23 -1.62
N PHE A 76 20.79 3.62 -0.87
CA PHE A 76 19.47 3.78 -1.49
C PHE A 76 19.47 4.97 -2.43
N LEU A 77 18.83 4.81 -3.59
CA LEU A 77 18.73 5.90 -4.58
C LEU A 77 17.36 6.53 -4.61
N GLY A 78 16.34 5.91 -4.00
CA GLY A 78 15.00 6.43 -4.10
C GLY A 78 14.67 7.23 -2.86
N LYS A 79 14.06 8.40 -3.05
CA LYS A 79 13.41 9.14 -1.98
C LYS A 79 12.00 8.60 -1.89
N ILE A 80 11.44 8.58 -0.69
CA ILE A 80 10.15 7.93 -0.58
C ILE A 80 9.17 8.77 0.23
N CYS A 81 7.89 8.47 0.02
CA CYS A 81 6.91 8.98 0.94
C CYS A 81 5.76 8.00 0.88
N GLY A 82 4.91 8.05 1.89
CA GLY A 82 3.70 7.27 1.74
C GLY A 82 2.55 8.26 1.53
N VAL A 83 1.46 7.80 0.94
CA VAL A 83 0.25 8.62 0.78
C VAL A 83 -0.92 7.70 1.13
N SER A 84 -1.68 8.07 2.14
CA SER A 84 -2.86 7.27 2.40
C SER A 84 -4.10 7.94 1.82
N ILE A 85 -5.14 7.13 1.52
CA ILE A 85 -6.28 7.66 0.76
C ILE A 85 -7.69 7.56 1.31
N VAL A 86 -7.98 6.56 2.10
CA VAL A 86 -9.25 6.58 2.81
C VAL A 86 -8.85 6.52 4.26
N ARG A 87 -9.77 6.89 5.14
CA ARG A 87 -9.44 6.79 6.54
C ARG A 87 -8.78 5.45 6.89
N ALA A 88 -9.15 4.36 6.19
CA ALA A 88 -8.57 3.05 6.53
C ALA A 88 -7.07 2.98 6.21
N GLY A 89 -6.57 3.77 5.24
CA GLY A 89 -5.16 3.71 4.93
C GLY A 89 -4.26 4.25 6.03
N GLU A 90 -4.85 5.05 6.94
CA GLU A 90 -4.12 5.68 8.04
C GLU A 90 -3.46 4.62 8.92
N SER A 91 -4.10 3.46 9.01
CA SER A 91 -3.59 2.36 9.80
C SER A 91 -2.21 1.93 9.34
N MET A 92 -1.94 2.13 8.07
CA MET A 92 -0.72 1.66 7.48
C MET A 92 0.45 2.58 7.73
N GLU A 93 0.18 3.79 8.21
CA GLU A 93 1.26 4.76 8.37
C GLU A 93 2.27 4.29 9.38
N MET A 94 1.83 3.57 10.43
CA MET A 94 2.79 3.19 11.44
C MET A 94 3.73 2.14 10.94
N GLY A 95 3.24 1.21 10.10
CA GLY A 95 4.12 0.22 9.55
C GLY A 95 5.17 0.83 8.68
N LEU A 96 4.78 1.85 7.90
CA LEU A 96 5.71 2.49 7.03
C LEU A 96 6.75 3.21 7.84
N ARG A 97 6.31 3.91 8.90
CA ARG A 97 7.29 4.61 9.74
C ARG A 97 8.13 3.68 10.61
N ASP A 98 7.78 2.41 10.75
CA ASP A 98 8.68 1.46 11.43
C ASP A 98 9.73 0.91 10.49
N CYS A 99 9.58 1.15 9.19
CA CYS A 99 10.58 0.68 8.25
C CYS A 99 11.43 1.79 7.68
N CYS A 100 10.87 2.99 7.54
CA CYS A 100 11.55 4.10 6.89
C CYS A 100 11.55 5.24 7.90
N ARG A 101 12.72 5.57 8.45
CA ARG A 101 12.73 6.42 9.64
C ARG A 101 12.21 7.83 9.31
N SER A 102 11.19 8.25 10.06
CA SER A 102 10.55 9.57 9.99
C SER A 102 10.01 9.87 8.58
N VAL A 103 9.65 8.83 7.84
CA VAL A 103 9.27 9.03 6.43
C VAL A 103 8.11 10.01 6.29
N ARG A 104 8.14 10.82 5.24
CA ARG A 104 7.02 11.71 4.94
C ARG A 104 5.79 10.90 4.56
N ILE A 105 4.63 11.37 4.98
CA ILE A 105 3.36 10.69 4.66
C ILE A 105 2.35 11.74 4.26
N GLY A 106 1.79 11.60 3.07
CA GLY A 106 0.77 12.51 2.61
C GLY A 106 -0.61 11.88 2.69
N LYS A 107 -1.58 12.65 2.27
CA LYS A 107 -2.99 12.30 2.39
C LYS A 107 -3.73 12.78 1.15
N ILE A 108 -4.50 11.91 0.49
CA ILE A 108 -5.40 12.35 -0.57
C ILE A 108 -6.80 11.80 -0.22
N LEU A 109 -7.77 12.68 -0.08
CA LEU A 109 -9.16 12.31 0.19
C LEU A 109 -9.96 12.84 -1.00
N ILE A 110 -10.46 11.92 -1.84
CA ILE A 110 -11.05 12.25 -3.13
C ILE A 110 -12.20 11.31 -3.39
N GLN A 111 -13.29 11.86 -3.91
CA GLN A 111 -14.52 11.11 -4.12
C GLN A 111 -15.18 11.63 -5.37
N ARG A 112 -15.91 10.75 -6.06
CA ARG A 112 -16.71 11.19 -7.19
C ARG A 112 -17.79 12.17 -6.75
N ASP A 113 -17.85 13.31 -7.45
CA ASP A 113 -18.90 14.29 -7.25
C ASP A 113 -20.26 13.69 -7.59
N GLU A 114 -21.17 13.67 -6.61
CA GLU A 114 -22.44 13.01 -6.82
C GLU A 114 -23.24 13.65 -7.95
N GLU A 115 -23.09 14.96 -8.16
CA GLU A 115 -23.86 15.66 -9.17
C GLU A 115 -23.23 15.59 -10.56
N THR A 116 -21.90 15.67 -10.65
CA THR A 116 -21.23 15.68 -11.94
C THR A 116 -20.55 14.36 -12.28
N ALA A 117 -20.51 13.41 -11.33
CA ALA A 117 -19.90 12.08 -11.49
C ALA A 117 -18.40 12.15 -11.79
N LEU A 118 -17.74 13.36 -11.71
CA LEU A 118 -16.32 13.52 -11.90
C LEU A 118 -15.58 13.55 -10.55
N PRO A 119 -14.36 13.02 -10.50
CA PRO A 119 -13.61 13.03 -9.24
C PRO A 119 -13.46 14.43 -8.65
N LYS A 120 -13.63 14.53 -7.32
CA LYS A 120 -13.57 15.80 -6.57
C LYS A 120 -12.75 15.64 -5.30
N LEU A 121 -11.81 16.55 -5.09
CA LEU A 121 -10.80 16.41 -4.04
C LEU A 121 -11.31 17.06 -2.75
N PHE A 122 -11.40 16.28 -1.67
CA PHE A 122 -11.82 16.81 -0.37
C PHE A 122 -10.63 17.30 0.44
N TYR A 123 -9.48 16.62 0.32
CA TYR A 123 -8.31 17.03 1.09
C TYR A 123 -7.07 16.56 0.39
N GLU A 124 -6.04 17.40 0.41
CA GLU A 124 -4.77 16.98 -0.11
C GLU A 124 -3.63 17.56 0.73
N LYS A 125 -2.68 16.72 1.08
CA LYS A 125 -1.44 17.18 1.71
C LYS A 125 -0.34 16.30 1.16
N LEU A 126 0.59 16.92 0.38
CA LEU A 126 1.66 16.11 -0.20
C LEU A 126 2.97 16.86 -0.02
N PRO A 127 4.08 16.13 0.09
CA PRO A 127 5.40 16.77 0.04
C PRO A 127 5.56 17.69 -1.15
N GLU A 128 6.19 18.84 -0.91
CA GLU A 128 6.43 19.77 -1.99
C GLU A 128 7.29 19.15 -3.11
N ASP A 129 8.13 18.14 -2.81
CA ASP A 129 8.99 17.55 -3.83
C ASP A 129 8.49 16.17 -4.21
N ILE A 130 7.17 15.94 -4.01
CA ILE A 130 6.66 14.59 -4.27
C ILE A 130 6.93 14.16 -5.72
N SER A 131 7.09 15.10 -6.66
CA SER A 131 7.35 14.66 -8.03
C SER A 131 8.69 13.93 -8.14
N GLU A 132 9.58 14.08 -7.15
CA GLU A 132 10.89 13.42 -7.19
C GLU A 132 10.93 12.17 -6.32
N ARG A 133 9.79 11.74 -5.82
CA ARG A 133 9.79 10.64 -4.89
C ARG A 133 9.10 9.40 -5.46
N TYR A 134 9.50 8.24 -4.91
CA TYR A 134 8.62 7.06 -4.95
C TYR A 134 7.51 7.26 -3.96
N VAL A 135 6.31 6.76 -4.30
CA VAL A 135 5.12 6.99 -3.50
C VAL A 135 4.49 5.65 -3.18
N PHE A 136 4.41 5.32 -1.90
CA PHE A 136 3.65 4.14 -1.47
C PHE A 136 2.23 4.57 -1.20
N LEU A 137 1.33 4.16 -2.08
CA LEU A 137 -0.07 4.43 -1.90
C LEU A 137 -0.62 3.39 -0.93
N LEU A 138 -1.27 3.87 0.12
CA LEU A 138 -1.67 3.00 1.24
C LEU A 138 -3.19 2.87 1.26
N ASP A 139 -3.71 1.66 0.96
CA ASP A 139 -5.14 1.42 1.12
C ASP A 139 -5.25 -0.06 1.51
N PRO A 140 -5.79 -0.41 2.66
CA PRO A 140 -5.71 -1.82 3.08
C PRO A 140 -6.46 -2.78 2.18
N MET A 141 -7.55 -2.37 1.51
CA MET A 141 -8.32 -3.34 0.75
C MET A 141 -8.51 -2.85 -0.67
N LEU A 142 -8.06 -3.63 -1.64
CA LEU A 142 -8.25 -3.28 -3.07
C LEU A 142 -9.48 -4.05 -3.53
N ALA A 143 -10.64 -3.42 -3.41
CA ALA A 143 -11.87 -4.12 -3.72
C ALA A 143 -12.26 -3.74 -5.13
N THR A 144 -12.84 -2.56 -5.29
CA THR A 144 -13.10 -2.02 -6.62
C THR A 144 -11.95 -1.19 -7.16
N GLY A 145 -11.11 -0.69 -6.30
CA GLY A 145 -10.05 0.22 -6.75
C GLY A 145 -10.50 1.62 -7.08
N GLY A 146 -11.78 1.96 -6.82
CA GLY A 146 -12.27 3.29 -7.22
C GLY A 146 -11.47 4.42 -6.61
N SER A 147 -11.31 4.40 -5.28
CA SER A 147 -10.59 5.49 -4.59
C SER A 147 -9.13 5.55 -5.00
N ALA A 148 -8.47 4.40 -5.07
CA ALA A 148 -7.07 4.37 -5.43
C ALA A 148 -6.86 4.92 -6.83
N MET A 149 -7.75 4.57 -7.77
CA MET A 149 -7.58 5.16 -9.10
C MET A 149 -7.72 6.65 -9.10
N MET A 150 -8.66 7.18 -8.33
CA MET A 150 -8.79 8.64 -8.31
C MET A 150 -7.57 9.28 -7.68
N ALA A 151 -7.02 8.64 -6.65
CA ALA A 151 -5.87 9.18 -5.96
C ALA A 151 -4.64 9.16 -6.85
N VAL A 152 -4.46 8.09 -7.63
CA VAL A 152 -3.31 8.07 -8.54
C VAL A 152 -3.37 9.23 -9.53
N GLU A 153 -4.56 9.57 -10.02
CA GLU A 153 -4.69 10.66 -10.96
C GLU A 153 -4.22 11.98 -10.36
N VAL A 154 -4.50 12.18 -9.07
CA VAL A 154 -4.00 13.35 -8.36
C VAL A 154 -2.48 13.34 -8.32
N LEU A 155 -1.90 12.20 -7.95
CA LEU A 155 -0.44 12.13 -7.87
C LEU A 155 0.18 12.45 -9.24
N LEU A 156 -0.39 11.88 -10.29
CA LEU A 156 0.18 12.11 -11.63
C LEU A 156 0.05 13.56 -12.02
N ALA A 157 -1.07 14.19 -11.63
CA ALA A 157 -1.23 15.62 -11.87
C ALA A 157 -0.18 16.45 -11.13
N ARG A 158 0.30 15.98 -10.01
CA ARG A 158 1.31 16.64 -9.23
C ARG A 158 2.72 16.27 -9.66
N GLY A 159 2.84 15.53 -10.74
CA GLY A 159 4.14 15.29 -11.33
C GLY A 159 4.79 13.99 -10.94
N VAL A 160 4.12 13.18 -10.13
CA VAL A 160 4.68 11.90 -9.73
C VAL A 160 4.82 11.00 -10.96
N LYS A 161 5.96 10.33 -11.06
CA LYS A 161 6.22 9.42 -12.17
C LYS A 161 5.40 8.14 -11.95
N MET A 162 4.76 7.70 -13.02
CA MET A 162 3.92 6.50 -12.99
C MET A 162 4.65 5.27 -12.47
N ASP A 163 5.91 5.10 -12.88
CA ASP A 163 6.68 3.95 -12.46
C ASP A 163 7.39 4.20 -11.14
N ARG A 164 7.00 5.25 -10.43
CA ARG A 164 7.45 5.39 -9.05
C ARG A 164 6.30 5.26 -8.06
N ILE A 165 5.11 4.84 -8.52
CA ILE A 165 3.98 4.64 -7.60
C ILE A 165 3.83 3.16 -7.32
N LEU A 166 3.79 2.81 -6.04
CA LEU A 166 3.61 1.43 -5.58
C LEU A 166 2.38 1.41 -4.69
N PHE A 167 1.41 0.55 -5.00
CA PHE A 167 0.15 0.49 -4.28
C PHE A 167 0.18 -0.71 -3.33
N LEU A 168 0.26 -0.44 -2.02
CA LEU A 168 0.33 -1.49 -0.99
C LEU A 168 -1.07 -1.78 -0.48
N ASN A 169 -1.44 -3.06 -0.43
CA ASN A 169 -2.74 -3.42 0.17
C ASN A 169 -2.63 -4.79 0.78
N LEU A 170 -3.44 -5.01 1.84
CA LEU A 170 -3.37 -6.31 2.49
C LEU A 170 -4.04 -7.37 1.65
N LEU A 171 -5.18 -7.03 1.06
CA LEU A 171 -5.92 -7.99 0.25
C LEU A 171 -6.51 -7.31 -0.97
N ALA A 172 -6.63 -8.05 -2.06
CA ALA A 172 -7.19 -7.52 -3.29
C ALA A 172 -8.22 -8.48 -3.87
N ALA A 173 -9.19 -7.93 -4.52
CA ALA A 173 -10.08 -8.76 -5.34
C ALA A 173 -9.65 -8.69 -6.82
N PRO A 174 -9.90 -9.74 -7.60
CA PRO A 174 -9.59 -9.67 -9.04
C PRO A 174 -10.21 -8.47 -9.73
N GLU A 175 -11.43 -8.10 -9.33
CA GLU A 175 -12.11 -6.97 -9.96
C GLU A 175 -11.29 -5.69 -9.81
N GLY A 176 -10.75 -5.47 -8.60
CA GLY A 176 -10.00 -4.25 -8.34
C GLY A 176 -8.65 -4.24 -9.02
N ILE A 177 -7.96 -5.37 -9.03
CA ILE A 177 -6.70 -5.50 -9.74
C ILE A 177 -6.92 -5.20 -11.21
N LYS A 178 -7.96 -5.78 -11.79
CA LYS A 178 -8.19 -5.55 -13.22
C LYS A 178 -8.51 -4.08 -13.50
N ALA A 179 -9.42 -3.50 -12.71
CA ALA A 179 -9.80 -2.10 -12.93
C ALA A 179 -8.60 -1.21 -12.79
N PHE A 180 -7.82 -1.42 -11.73
CA PHE A 180 -6.73 -0.53 -11.46
C PHE A 180 -5.67 -0.64 -12.56
N GLN A 181 -5.36 -1.87 -12.97
CA GLN A 181 -4.31 -2.12 -13.97
C GLN A 181 -4.72 -1.73 -15.37
N ASP A 182 -6.01 -1.72 -15.64
CA ASP A 182 -6.46 -1.26 -16.93
C ASP A 182 -6.21 0.22 -17.07
N LYS A 183 -6.33 0.95 -15.99
CA LYS A 183 -6.17 2.38 -16.03
C LYS A 183 -4.70 2.79 -15.80
N TYR A 184 -3.96 2.03 -14.98
CA TYR A 184 -2.58 2.40 -14.62
C TYR A 184 -1.70 1.16 -14.70
N PRO A 185 -1.42 0.69 -15.91
CA PRO A 185 -0.72 -0.59 -16.03
C PRO A 185 0.73 -0.56 -15.55
N ASP A 186 1.36 0.61 -15.43
CA ASP A 186 2.73 0.68 -14.91
C ASP A 186 2.85 0.92 -13.42
N VAL A 187 1.74 0.98 -12.69
CA VAL A 187 1.80 1.03 -11.24
C VAL A 187 1.94 -0.40 -10.70
N LYS A 188 2.91 -0.58 -9.83
CA LYS A 188 3.06 -1.88 -9.19
C LYS A 188 2.09 -2.00 -8.04
N ILE A 189 1.43 -3.15 -7.95
CA ILE A 189 0.53 -3.47 -6.85
C ILE A 189 1.25 -4.47 -5.99
N ILE A 190 1.43 -4.13 -4.73
CA ILE A 190 2.03 -5.05 -3.76
C ILE A 190 0.90 -5.52 -2.86
N THR A 191 0.60 -6.81 -2.90
CA THR A 191 -0.49 -7.28 -2.07
C THR A 191 -0.10 -8.54 -1.35
N GLY A 192 -0.81 -8.80 -0.24
CA GLY A 192 -0.57 -10.00 0.53
C GLY A 192 -1.49 -11.16 0.20
N GLY A 193 -2.55 -10.91 -0.58
CA GLY A 193 -3.39 -12.03 -0.98
C GLY A 193 -4.38 -11.55 -2.00
N ILE A 194 -4.70 -12.40 -2.92
CA ILE A 194 -5.74 -12.11 -3.90
C ILE A 194 -6.91 -13.04 -3.62
N ASP A 195 -8.07 -12.44 -3.35
CA ASP A 195 -9.20 -13.31 -2.93
C ASP A 195 -10.10 -13.60 -4.12
N GLU A 196 -11.33 -14.04 -3.86
CA GLU A 196 -12.12 -14.70 -4.90
C GLU A 196 -12.91 -13.70 -5.75
N LYS A 197 -13.57 -12.73 -5.12
CA LYS A 197 -14.61 -11.93 -5.79
C LYS A 197 -15.03 -10.83 -4.81
N LEU A 198 -16.01 -10.03 -5.22
CA LEU A 198 -16.62 -9.06 -4.31
C LEU A 198 -18.04 -9.53 -3.98
N ASP A 199 -18.56 -9.00 -2.89
CA ASP A 199 -19.95 -9.20 -2.46
C ASP A 199 -20.81 -8.04 -2.97
N GLU A 200 -22.11 -8.06 -2.73
CA GLU A 200 -22.95 -7.02 -3.30
C GLU A 200 -22.74 -5.67 -2.63
N ASN A 201 -22.17 -5.62 -1.41
CA ASN A 201 -21.74 -4.34 -0.88
C ASN A 201 -20.29 -4.03 -1.22
N LYS A 202 -19.72 -4.75 -2.19
CA LYS A 202 -18.37 -4.53 -2.70
C LYS A 202 -17.31 -4.85 -1.65
N TYR A 203 -17.61 -5.75 -0.72
CA TYR A 203 -16.58 -6.27 0.15
C TYR A 203 -15.89 -7.48 -0.49
N ILE A 204 -14.60 -7.64 -0.18
CA ILE A 204 -13.84 -8.77 -0.69
C ILE A 204 -14.31 -10.06 -0.02
N VAL A 205 -14.37 -11.14 -0.80
CA VAL A 205 -14.80 -12.46 -0.36
C VAL A 205 -13.67 -13.45 -0.64
N PRO A 206 -13.26 -14.29 0.35
CA PRO A 206 -13.86 -14.39 1.69
C PRO A 206 -13.48 -13.24 2.58
N GLY A 207 -12.36 -12.60 2.27
CA GLY A 207 -12.03 -11.35 2.93
C GLY A 207 -11.78 -11.47 4.44
N LEU A 208 -12.18 -10.44 5.16
CA LEU A 208 -11.88 -10.33 6.59
C LEU A 208 -12.87 -9.38 7.25
N GLY A 209 -14.01 -9.17 6.64
CA GLY A 209 -15.02 -8.24 7.14
C GLY A 209 -14.62 -6.84 6.73
N ASP A 210 -14.82 -5.86 7.61
CA ASP A 210 -14.56 -4.45 7.28
C ASP A 210 -13.26 -4.08 7.99
N PHE A 211 -12.17 -3.93 7.20
CA PHE A 211 -10.83 -3.73 7.79
C PHE A 211 -10.84 -2.55 8.75
N GLY A 212 -11.36 -1.40 8.28
CA GLY A 212 -11.32 -0.19 9.09
C GLY A 212 -12.13 -0.32 10.37
N ASP A 213 -13.32 -0.90 10.28
CA ASP A 213 -14.12 -1.10 11.48
C ASP A 213 -13.35 -1.98 12.46
N ARG A 214 -12.76 -3.06 11.98
CA ARG A 214 -12.08 -4.01 12.88
C ARG A 214 -10.80 -3.41 13.46
N TYR A 215 -10.12 -2.58 12.69
CA TYR A 215 -8.86 -1.98 13.17
C TYR A 215 -9.15 -0.95 14.22
N TYR A 216 -10.22 -0.20 14.03
CA TYR A 216 -10.47 0.99 14.83
C TYR A 216 -11.61 0.94 15.82
N CYS A 217 -12.75 0.26 15.55
CA CYS A 217 -14.00 0.62 16.24
C CYS A 217 -14.70 -0.53 16.86
N ILE A 218 -14.49 -1.75 16.40
CA ILE A 218 -15.42 -2.80 16.84
C ILE A 218 -14.77 -3.93 17.64
PA UTP B . 14.19 9.79 2.01
O1A UTP B . 15.43 9.75 1.15
O2A UTP B . 12.89 9.94 1.36
O3A UTP B . 14.43 10.96 3.10
O5' UTP B . 14.29 8.39 2.95
PB UTP B . 13.77 12.43 3.21
O1B UTP B . 12.33 12.60 3.60
O2B UTP B . 13.96 13.02 1.85
O3B UTP B . 14.72 13.01 4.40
PG UTP B . 14.98 14.54 4.81
O1G UTP B . 16.32 14.58 5.51
O2G UTP B . 15.12 15.27 3.50
O3G UTP B . 13.79 14.95 5.70
C5' UTP B . 13.50 8.25 4.12
C4' UTP B . 14.07 7.06 4.94
O4' UTP B . 13.63 5.83 4.01
C1' UTP B . 14.65 5.03 4.04
C2' UTP B . 15.88 5.93 4.20
O2' UTP B . 17.03 5.33 4.74
C3' UTP B . 15.40 7.09 5.05
O3' UTP B . 16.08 6.85 6.41
N1 UTP B . 14.69 4.27 2.77
C6 UTP B . 14.82 4.98 1.60
C2 UTP B . 14.70 2.93 2.81
O2 UTP B . 14.59 2.37 3.89
N3 UTP B . 14.78 2.25 1.66
C4 UTP B . 14.89 2.90 0.49
O4 UTP B . 14.97 2.22 -0.50
C5 UTP B . 14.89 4.28 0.43
#